data_8C2P
#
_entry.id   8C2P
#
_cell.length_a   93.512
_cell.length_b   93.512
_cell.length_c   100.339
_cell.angle_alpha   90.000
_cell.angle_beta   90.000
_cell.angle_gamma   120.000
#
_symmetry.space_group_name_H-M   'P 32 2 1'
#
loop_
_entity.id
_entity.type
_entity.pdbx_description
1 polymer 'RNA-directed RNA polymerase 3D-POL'
2 polymer 'Protein 3B-3'
3 water water
#
loop_
_entity_poly.entity_id
_entity_poly.type
_entity_poly.pdbx_seq_one_letter_code
_entity_poly.pdbx_strand_id
1 'polypeptide(L)'
;GLIVDTRDVEERVHVMRKTKLAPTVAHGVFNPEFGPAALSNKDPRLNEGVVLDEVIFSKHKGDTKMSAEDKALFRRCAAD
YASRLHSVLGTANAPLSIYEAIKGVDGLDAMEPDTAPGLPWALQGKRRGALIDFENGTVGPEVEAALKLMEKREYKFACQ
TFLKDEIRPMEKVRAGKTRIVDVLPVEHILYTRMMIGRFCAQMHSNNGPQIGSAVGCNPDVDWQRFGTHFAQYRNVWDVD
YSAFDANHCSDAMNIMFEEVFRTEFGFHPNAEWILKTLVNTEHAYENKRITVEGGMPSGCSATSIINTILNNIYVLYALR
RHYEGVELDTYTMISYGDDIVVASDYDLDFEALKPHFKSLGQTITPADKSDKGFVLGHSITDVTFLKRHFHMDYGTGFYK
PVMASKTLEAILSFARRGTIQEKLISVAGLAVHSGPDEYRRLFEPFQGLFEIPSYRSLYLRWVNAVCGDAAALEHHHHHH
;
A
2 'polypeptide(L)' GPYEGPVKKPVALKVKAKNLIVTE B
#
# COMPACT_ATOMS: atom_id res chain seq x y z
N GLY A 1 1.28 -10.17 12.49
CA GLY A 1 2.06 -11.37 12.79
C GLY A 1 1.96 -11.81 14.24
N LEU A 2 2.71 -12.86 14.56
CA LEU A 2 2.79 -13.40 15.91
C LEU A 2 4.07 -12.89 16.56
N ILE A 3 3.92 -12.09 17.62
CA ILE A 3 5.08 -11.65 18.39
C ILE A 3 5.59 -12.85 19.17
N VAL A 4 6.79 -13.33 18.84
CA VAL A 4 7.35 -14.50 19.50
C VAL A 4 8.33 -14.13 20.60
N ASP A 5 8.78 -12.89 20.65
CA ASP A 5 9.73 -12.48 21.67
C ASP A 5 9.80 -10.97 21.77
N THR A 6 9.96 -10.48 23.00
CA THR A 6 10.15 -9.08 23.30
C THR A 6 11.26 -8.97 24.32
N ARG A 7 12.24 -8.10 24.07
CA ARG A 7 13.38 -7.93 24.96
C ARG A 7 13.86 -6.48 24.92
N ASP A 8 14.62 -6.09 25.96
CA ASP A 8 15.16 -4.74 26.10
C ASP A 8 16.68 -4.77 25.95
N VAL A 9 17.24 -3.67 25.41
CA VAL A 9 18.68 -3.54 25.16
C VAL A 9 19.12 -2.11 25.47
N GLU A 10 20.41 -1.96 25.79
CA GLU A 10 20.94 -0.65 26.15
C GLU A 10 20.87 0.32 24.97
N GLU A 11 21.24 -0.16 23.77
CA GLU A 11 21.16 0.65 22.57
C GLU A 11 19.75 1.17 22.37
N ARG A 12 19.61 2.51 22.27
CA ARG A 12 18.32 3.22 22.25
C ARG A 12 18.08 3.76 20.85
N VAL A 13 17.04 3.27 20.17
CA VAL A 13 16.69 3.77 18.83
C VAL A 13 15.60 4.83 18.99
N HIS A 14 15.99 6.10 18.86
CA HIS A 14 15.08 7.22 19.10
C HIS A 14 13.91 7.22 18.12
N VAL A 15 12.73 6.80 18.58
CA VAL A 15 11.55 6.70 17.67
C VAL A 15 10.93 8.09 17.46
N MET A 16 9.94 8.19 16.58
CA MET A 16 9.30 9.50 16.28
C MET A 16 8.65 10.06 17.55
N ARG A 17 9.10 11.24 18.00
CA ARG A 17 8.45 11.92 19.16
C ARG A 17 8.31 13.39 18.80
N LYS A 18 7.44 13.70 17.83
CA LYS A 18 7.26 15.12 17.39
C LYS A 18 5.91 15.17 16.67
N THR A 19 5.64 16.27 15.97
CA THR A 19 4.36 16.45 15.22
C THR A 19 4.60 17.47 14.11
N LYS A 20 4.83 17.02 12.88
CA LYS A 20 5.20 17.97 11.79
C LYS A 20 3.98 18.38 10.97
N LEU A 21 2.77 18.36 11.56
CA LEU A 21 1.63 18.86 10.80
C LEU A 21 1.04 20.04 11.56
N ALA A 22 1.35 21.24 11.11
CA ALA A 22 0.76 22.42 11.74
C ALA A 22 -0.65 22.67 11.20
N PRO A 23 -1.58 23.13 12.04
CA PRO A 23 -2.91 23.50 11.52
C PRO A 23 -2.82 24.70 10.59
N THR A 24 -3.69 24.71 9.57
CA THR A 24 -3.75 25.83 8.63
C THR A 24 -4.94 26.71 8.97
N VAL A 25 -5.01 27.84 8.25
CA VAL A 25 -6.17 28.74 8.31
C VAL A 25 -7.47 27.97 8.10
N ALA A 26 -7.42 26.89 7.30
CA ALA A 26 -8.64 26.14 6.98
C ALA A 26 -9.16 25.36 8.17
N HIS A 27 -8.29 24.98 9.12
CA HIS A 27 -8.74 24.21 10.28
C HIS A 27 -9.92 24.87 10.99
N GLY A 28 -9.82 26.19 11.21
CA GLY A 28 -10.87 26.90 11.91
C GLY A 28 -12.17 27.02 11.13
N VAL A 29 -12.10 26.90 9.80
CA VAL A 29 -13.30 27.00 8.99
C VAL A 29 -14.02 25.66 8.95
N PHE A 30 -13.30 24.61 8.58
CA PHE A 30 -13.94 23.31 8.38
C PHE A 30 -14.12 22.53 9.68
N ASN A 31 -13.29 22.85 10.68
CA ASN A 31 -13.32 22.14 11.98
C ASN A 31 -13.40 20.63 11.72
N PRO A 32 -12.37 20.03 11.09
CA PRO A 32 -12.47 18.64 10.71
C PRO A 32 -12.39 17.64 11.87
N GLU A 33 -13.14 16.54 11.76
CA GLU A 33 -13.04 15.44 12.75
C GLU A 33 -11.83 14.74 12.12
N PHE A 34 -10.67 15.39 12.19
CA PHE A 34 -9.38 14.78 11.79
C PHE A 34 -8.25 15.61 12.37
N GLY A 35 -7.18 14.94 12.80
CA GLY A 35 -6.01 15.61 13.29
C GLY A 35 -4.77 14.75 13.25
N PRO A 36 -3.60 15.35 13.50
CA PRO A 36 -2.35 14.60 13.50
C PRO A 36 -2.40 13.43 14.46
N ALA A 37 -1.81 12.30 14.06
CA ALA A 37 -1.68 11.15 14.95
C ALA A 37 -0.80 11.51 16.14
N ALA A 38 -1.02 10.83 17.26
CA ALA A 38 -0.23 11.09 18.46
C ALA A 38 1.16 10.47 18.31
N LEU A 39 2.20 11.31 18.42
CA LEU A 39 3.58 10.88 18.24
C LEU A 39 4.36 10.78 19.54
N SER A 40 3.75 11.16 20.65
CA SER A 40 4.37 11.12 21.97
C SER A 40 3.38 10.53 22.95
N ASN A 41 3.88 9.72 23.88
CA ASN A 41 3.02 9.16 24.94
C ASN A 41 2.46 10.24 25.85
N LYS A 42 2.98 11.47 25.78
CA LYS A 42 2.52 12.61 26.58
C LYS A 42 1.58 13.53 25.79
N ASP A 43 0.82 12.96 24.84
CA ASP A 43 -0.08 13.74 24.00
C ASP A 43 -1.41 13.93 24.74
N PRO A 44 -1.82 15.17 25.03
CA PRO A 44 -3.05 15.35 25.82
C PRO A 44 -4.31 14.85 25.14
N ARG A 45 -4.32 14.77 23.80
CA ARG A 45 -5.54 14.39 23.11
C ARG A 45 -5.87 12.91 23.29
N LEU A 46 -4.90 12.09 23.67
CA LEU A 46 -5.21 10.68 23.78
C LEU A 46 -6.01 10.41 25.04
N ASN A 47 -6.82 9.35 24.99
CA ASN A 47 -7.60 8.94 26.16
C ASN A 47 -6.68 8.50 27.30
N GLU A 48 -7.07 8.88 28.53
CA GLU A 48 -6.27 8.50 29.69
C GLU A 48 -6.07 6.98 29.72
N GLY A 49 -4.82 6.56 29.92
CA GLY A 49 -4.51 5.12 29.90
C GLY A 49 -4.06 4.66 28.52
N VAL A 50 -4.57 5.29 27.46
CA VAL A 50 -4.16 4.93 26.08
C VAL A 50 -2.63 4.92 26.17
N VAL A 51 -2.00 3.78 25.87
CA VAL A 51 -0.52 3.73 25.72
C VAL A 51 -0.22 3.27 24.29
N LEU A 52 0.14 4.20 23.40
CA LEU A 52 0.35 3.81 21.99
C LEU A 52 1.25 2.58 21.94
N ASP A 53 2.28 2.53 22.80
CA ASP A 53 3.23 1.43 22.73
C ASP A 53 2.50 0.08 22.72
N GLU A 54 1.41 -0.02 23.49
CA GLU A 54 0.59 -1.23 23.43
C GLU A 54 -0.29 -1.23 22.18
N VAL A 55 -0.97 -0.12 21.91
CA VAL A 55 -1.93 -0.08 20.81
C VAL A 55 -1.23 -0.31 19.47
N ILE A 56 -0.09 0.36 19.25
CA ILE A 56 0.53 0.35 17.92
C ILE A 56 0.98 -1.04 17.50
N PHE A 57 1.24 -1.93 18.46
CA PHE A 57 1.62 -3.31 18.16
C PHE A 57 0.48 -4.30 18.32
N SER A 58 -0.68 -3.87 18.85
CA SER A 58 -1.82 -4.75 18.98
C SER A 58 -2.23 -5.38 17.66
N LYS A 59 -1.83 -4.78 16.52
CA LYS A 59 -2.10 -5.36 15.20
C LYS A 59 -1.54 -6.76 15.07
N HIS A 60 -0.51 -7.10 15.83
CA HIS A 60 0.14 -8.41 15.76
C HIS A 60 -0.64 -9.38 16.64
N LYS A 61 -1.69 -9.97 16.07
CA LYS A 61 -2.59 -10.86 16.80
C LYS A 61 -2.30 -12.33 16.56
N GLY A 62 -1.29 -12.65 15.74
CA GLY A 62 -0.94 -14.03 15.51
C GLY A 62 -0.61 -14.31 14.05
N ASP A 63 -0.19 -15.52 13.73
CA ASP A 63 0.28 -15.90 12.41
C ASP A 63 -0.51 -17.15 12.04
N THR A 64 -1.50 -17.01 11.17
CA THR A 64 -2.41 -18.11 10.90
C THR A 64 -1.71 -19.30 10.26
N LYS A 65 -1.78 -20.46 10.91
CA LYS A 65 -1.27 -21.68 10.30
C LYS A 65 -2.34 -22.30 9.42
N MET A 66 -1.97 -22.60 8.18
CA MET A 66 -2.86 -23.16 7.17
C MET A 66 -2.72 -24.68 7.10
N SER A 67 -3.81 -25.34 6.73
CA SER A 67 -3.81 -26.78 6.56
C SER A 67 -3.07 -27.17 5.28
N ALA A 68 -2.69 -28.46 5.23
CA ALA A 68 -2.03 -28.99 4.04
C ALA A 68 -2.90 -28.77 2.79
N GLU A 69 -4.20 -29.10 2.89
CA GLU A 69 -5.09 -28.94 1.73
C GLU A 69 -5.29 -27.48 1.36
N ASP A 70 -5.36 -26.59 2.37
CA ASP A 70 -5.55 -25.17 2.10
C ASP A 70 -4.28 -24.56 1.49
N LYS A 71 -3.12 -25.00 1.96
CA LYS A 71 -1.86 -24.58 1.38
C LYS A 71 -1.73 -25.09 -0.06
N ALA A 72 -2.17 -26.32 -0.32
CA ALA A 72 -2.09 -26.84 -1.68
C ALA A 72 -3.01 -26.06 -2.61
N LEU A 73 -4.18 -25.67 -2.11
CA LEU A 73 -5.07 -24.79 -2.86
C LEU A 73 -4.44 -23.41 -3.07
N PHE A 74 -3.91 -22.82 -2.01
CA PHE A 74 -3.26 -21.52 -2.17
C PHE A 74 -2.13 -21.61 -3.19
N ARG A 75 -1.42 -22.72 -3.21
CA ARG A 75 -0.30 -22.85 -4.14
C ARG A 75 -0.79 -22.85 -5.58
N ARG A 76 -1.92 -23.53 -5.85
CA ARG A 76 -2.51 -23.54 -7.18
C ARG A 76 -2.99 -22.16 -7.58
N CYS A 77 -3.59 -21.44 -6.64
CA CYS A 77 -4.05 -20.09 -6.90
C CYS A 77 -2.86 -19.16 -7.18
N ALA A 78 -1.79 -19.31 -6.39
CA ALA A 78 -0.61 -18.48 -6.60
C ALA A 78 0.04 -18.78 -7.95
N ALA A 79 0.06 -20.06 -8.35
CA ALA A 79 0.65 -20.42 -9.64
C ALA A 79 -0.22 -19.97 -10.81
N ASP A 80 -1.54 -20.03 -10.65
CA ASP A 80 -2.43 -19.61 -11.72
C ASP A 80 -2.34 -18.10 -11.92
N TYR A 81 -2.30 -17.35 -10.83
CA TYR A 81 -2.13 -15.90 -10.92
C TYR A 81 -0.74 -15.58 -11.45
N ALA A 82 0.29 -16.28 -10.97
CA ALA A 82 1.62 -16.05 -11.50
C ALA A 82 1.66 -16.31 -13.00
N SER A 83 1.00 -17.39 -13.47
CA SER A 83 0.97 -17.64 -14.92
C SER A 83 0.35 -16.48 -15.68
N ARG A 84 -0.75 -15.95 -15.16
CA ARG A 84 -1.38 -14.79 -15.77
C ARG A 84 -0.43 -13.59 -15.77
N LEU A 85 0.14 -13.26 -14.60
CA LEU A 85 1.06 -12.13 -14.48
C LEU A 85 2.19 -12.22 -15.49
N HIS A 86 2.91 -13.33 -15.48
CA HIS A 86 4.11 -13.45 -16.29
C HIS A 86 3.76 -13.52 -17.78
N SER A 87 2.57 -14.02 -18.12
CA SER A 87 2.19 -13.99 -19.53
C SER A 87 2.04 -12.56 -20.04
N VAL A 88 1.53 -11.65 -19.20
CA VAL A 88 1.40 -10.24 -19.60
C VAL A 88 2.77 -9.57 -19.59
N LEU A 89 3.55 -9.80 -18.54
CA LEU A 89 4.74 -9.00 -18.31
C LEU A 89 5.96 -9.51 -19.05
N GLY A 90 5.95 -10.77 -19.48
CA GLY A 90 7.15 -11.40 -20.02
C GLY A 90 8.00 -11.95 -18.91
N THR A 91 9.15 -12.52 -19.29
CA THR A 91 9.98 -13.16 -18.28
C THR A 91 11.42 -12.64 -18.32
N ALA A 92 11.59 -11.38 -18.75
CA ALA A 92 12.90 -10.71 -18.73
C ALA A 92 13.11 -10.16 -17.32
N ASN A 93 13.44 -11.09 -16.39
CA ASN A 93 13.49 -10.77 -14.97
C ASN A 93 14.87 -10.90 -14.36
N ALA A 94 15.91 -10.86 -15.18
CA ALA A 94 17.27 -10.89 -14.70
C ALA A 94 17.51 -9.72 -13.74
N PRO A 95 18.48 -9.83 -12.84
CA PRO A 95 18.73 -8.71 -11.93
C PRO A 95 19.06 -7.42 -12.67
N LEU A 96 18.56 -6.32 -12.12
CA LEU A 96 19.03 -4.99 -12.47
C LEU A 96 20.47 -4.83 -12.00
N SER A 97 21.25 -4.03 -12.73
CA SER A 97 22.55 -3.65 -12.21
C SER A 97 22.38 -2.77 -10.98
N ILE A 98 23.49 -2.59 -10.23
CA ILE A 98 23.48 -1.64 -9.12
C ILE A 98 23.04 -0.25 -9.58
N TYR A 99 23.58 0.20 -10.72
CA TYR A 99 23.25 1.52 -11.25
C TYR A 99 21.75 1.66 -11.53
N GLU A 100 21.17 0.61 -12.13
CA GLU A 100 19.77 0.69 -12.54
C GLU A 100 18.89 0.60 -11.31
N ALA A 101 19.28 -0.22 -10.34
CA ALA A 101 18.50 -0.32 -9.11
C ALA A 101 18.53 0.99 -8.33
N ILE A 102 19.64 1.74 -8.41
CA ILE A 102 19.68 3.02 -7.70
C ILE A 102 18.97 4.11 -8.48
N LYS A 103 19.22 4.18 -9.80
CA LYS A 103 18.75 5.27 -10.65
C LYS A 103 17.37 5.03 -11.22
N GLY A 104 16.89 3.79 -11.17
CA GLY A 104 15.62 3.45 -11.78
C GLY A 104 15.76 3.10 -13.25
N VAL A 105 14.64 2.65 -13.80
CA VAL A 105 14.49 2.37 -15.20
C VAL A 105 13.10 2.86 -15.60
N ASP A 106 12.79 2.74 -16.88
CA ASP A 106 11.44 3.08 -17.33
C ASP A 106 10.43 2.26 -16.53
N GLY A 107 9.55 2.97 -15.81
CA GLY A 107 8.55 2.33 -14.97
C GLY A 107 8.96 2.11 -13.52
N LEU A 108 10.18 2.47 -13.15
CA LEU A 108 10.64 2.35 -11.76
C LEU A 108 11.37 3.62 -11.36
N ASP A 109 10.80 4.39 -10.42
CA ASP A 109 11.42 5.63 -9.98
C ASP A 109 12.76 5.36 -9.29
N ALA A 110 13.66 6.34 -9.37
CA ALA A 110 14.94 6.23 -8.68
C ALA A 110 14.74 6.09 -7.16
N MET A 111 15.73 5.50 -6.49
CA MET A 111 15.73 5.48 -5.04
C MET A 111 15.83 6.92 -4.51
N GLU A 112 15.28 7.14 -3.31
CA GLU A 112 15.30 8.47 -2.69
C GLU A 112 16.66 8.75 -2.05
N PRO A 113 17.31 9.89 -2.36
CA PRO A 113 18.67 10.12 -1.83
C PRO A 113 18.71 10.45 -0.35
N ASP A 114 17.66 11.06 0.22
CA ASP A 114 17.79 11.54 1.59
C ASP A 114 16.63 11.09 2.48
N THR A 115 16.03 9.94 2.20
CA THR A 115 15.10 9.32 3.14
C THR A 115 15.88 8.53 4.18
N ALA A 116 15.17 7.98 5.16
CA ALA A 116 15.82 7.28 6.26
C ALA A 116 16.67 6.12 5.74
N PRO A 117 17.87 5.92 6.27
CA PRO A 117 18.70 4.79 5.83
C PRO A 117 18.43 3.49 6.56
N GLY A 118 17.72 3.51 7.68
CA GLY A 118 17.47 2.30 8.43
C GLY A 118 18.64 1.96 9.33
N LEU A 119 18.63 0.66 9.84
CA LEU A 119 19.61 0.16 10.81
C LEU A 119 20.66 -0.71 10.12
N PRO A 120 21.89 -0.77 10.63
CA PRO A 120 22.40 -0.15 11.85
C PRO A 120 22.78 1.31 11.64
N TRP A 121 22.61 1.83 10.42
CA TRP A 121 23.15 3.15 10.09
C TRP A 121 22.55 4.24 10.97
N ALA A 122 21.25 4.13 11.29
CA ALA A 122 20.58 5.16 12.09
C ALA A 122 21.27 5.38 13.42
N LEU A 123 21.84 4.33 14.01
CA LEU A 123 22.60 4.50 15.24
C LEU A 123 23.87 5.32 15.00
N GLN A 124 24.53 5.08 13.87
CA GLN A 124 25.84 5.65 13.56
C GLN A 124 25.77 7.09 13.03
N GLY A 125 24.59 7.72 13.05
CA GLY A 125 24.43 9.07 12.52
C GLY A 125 24.69 9.21 11.04
N LYS A 126 24.59 8.14 10.26
CA LYS A 126 24.90 8.14 8.83
C LYS A 126 23.65 8.35 8.01
N ARG A 127 23.75 9.21 7.00
CA ARG A 127 22.68 9.45 6.05
C ARG A 127 22.85 8.53 4.83
N ARG A 128 21.78 8.41 4.03
CA ARG A 128 21.82 7.54 2.86
C ARG A 128 22.91 7.96 1.88
N GLY A 129 23.08 9.27 1.65
CA GLY A 129 24.13 9.74 0.75
C GLY A 129 25.54 9.46 1.23
N ALA A 130 25.72 9.11 2.51
CA ALA A 130 27.04 8.73 2.96
C ALA A 130 27.36 7.27 2.68
N LEU A 131 26.35 6.51 2.23
CA LEU A 131 26.47 5.08 1.96
C LEU A 131 26.37 4.74 0.49
N ILE A 132 25.75 5.59 -0.32
CA ILE A 132 25.49 5.31 -1.72
C ILE A 132 25.61 6.59 -2.53
N ASP A 133 26.19 6.49 -3.72
CA ASP A 133 26.30 7.63 -4.64
C ASP A 133 25.07 7.63 -5.55
N PHE A 134 24.08 8.47 -5.21
CA PHE A 134 22.84 8.50 -5.99
C PHE A 134 23.00 9.24 -7.31
N GLU A 135 24.04 10.05 -7.47
CA GLU A 135 24.31 10.68 -8.75
C GLU A 135 24.93 9.69 -9.74
N ASN A 136 25.96 8.97 -9.30
CA ASN A 136 26.70 8.03 -10.14
C ASN A 136 26.15 6.61 -10.07
N GLY A 137 25.33 6.29 -9.09
CA GLY A 137 24.76 4.96 -9.00
C GLY A 137 25.77 3.91 -8.56
N THR A 138 26.56 4.23 -7.54
CA THR A 138 27.53 3.31 -6.97
C THR A 138 27.34 3.24 -5.45
N VAL A 139 27.93 2.21 -4.84
CA VAL A 139 27.81 1.99 -3.40
C VAL A 139 29.19 1.97 -2.77
N GLY A 140 29.26 2.34 -1.48
CA GLY A 140 30.49 2.31 -0.74
C GLY A 140 30.79 0.93 -0.19
N PRO A 141 31.86 0.81 0.60
CA PRO A 141 32.25 -0.52 1.07
C PRO A 141 31.24 -1.13 2.01
N GLU A 142 30.62 -0.31 2.88
CA GLU A 142 29.64 -0.82 3.82
C GLU A 142 28.53 -1.57 3.10
N VAL A 143 27.91 -0.92 2.11
CA VAL A 143 26.82 -1.55 1.36
C VAL A 143 27.33 -2.71 0.54
N GLU A 144 28.51 -2.55 -0.08
CA GLU A 144 29.09 -3.62 -0.88
C GLU A 144 29.30 -4.88 -0.03
N ALA A 145 29.74 -4.70 1.22
CA ALA A 145 29.91 -5.85 2.11
C ALA A 145 28.58 -6.54 2.41
N ALA A 146 27.51 -5.75 2.59
CA ALA A 146 26.20 -6.33 2.84
C ALA A 146 25.68 -7.05 1.60
N LEU A 147 25.90 -6.48 0.42
CA LEU A 147 25.45 -7.11 -0.82
C LEU A 147 26.10 -8.49 -0.98
N LYS A 148 27.38 -8.60 -0.60
CA LYS A 148 28.05 -9.89 -0.62
C LYS A 148 27.45 -10.85 0.41
N LEU A 149 27.02 -10.33 1.56
CA LEU A 149 26.34 -11.17 2.53
C LEU A 149 25.00 -11.64 1.98
N MET A 150 24.34 -10.78 1.20
CA MET A 150 23.06 -11.16 0.63
C MET A 150 23.27 -12.19 -0.47
N GLU A 151 24.30 -12.00 -1.30
CA GLU A 151 24.67 -13.00 -2.30
C GLU A 151 24.84 -14.38 -1.67
N LYS A 152 25.44 -14.42 -0.48
CA LYS A 152 25.71 -15.65 0.27
C LYS A 152 24.53 -16.10 1.11
N ARG A 153 23.40 -15.38 1.08
CA ARG A 153 22.27 -15.68 1.95
C ARG A 153 22.68 -15.67 3.42
N GLU A 154 23.58 -14.74 3.78
CA GLU A 154 24.08 -14.63 5.14
C GLU A 154 23.65 -13.31 5.79
N TYR A 155 22.96 -12.45 5.05
CA TYR A 155 22.61 -11.13 5.56
C TYR A 155 21.45 -11.21 6.55
N LYS A 156 21.57 -10.41 7.62
CA LYS A 156 20.54 -10.25 8.64
C LYS A 156 20.36 -8.76 8.91
N PHE A 157 19.17 -8.39 9.38
CA PHE A 157 18.86 -6.99 9.58
C PHE A 157 17.77 -6.85 10.63
N ALA A 158 17.60 -5.62 11.11
CA ALA A 158 16.46 -5.21 11.92
C ALA A 158 15.67 -4.15 11.17
N CYS A 159 14.36 -4.16 11.37
CA CYS A 159 13.51 -3.06 10.90
C CYS A 159 13.52 -1.95 11.94
N GLN A 160 13.58 -0.71 11.45
CA GLN A 160 13.48 0.45 12.33
C GLN A 160 12.04 0.93 12.31
N THR A 161 11.41 0.97 13.50
CA THR A 161 10.03 1.40 13.64
C THR A 161 9.96 2.91 13.78
N PHE A 162 9.26 3.54 12.85
CA PHE A 162 8.87 4.94 12.89
C PHE A 162 7.37 5.01 13.16
N LEU A 163 6.95 5.98 13.96
CA LEU A 163 5.55 6.32 14.02
C LEU A 163 5.20 7.20 12.83
N LYS A 164 4.07 6.94 12.18
CA LYS A 164 3.68 7.67 10.99
C LYS A 164 3.05 9.00 11.36
N ASP A 165 3.69 10.09 10.96
CA ASP A 165 3.20 11.45 11.21
C ASP A 165 2.24 11.82 10.08
N GLU A 166 0.93 11.75 10.36
CA GLU A 166 -0.08 11.89 9.33
C GLU A 166 -1.40 12.29 9.98
N ILE A 167 -2.30 12.83 9.16
CA ILE A 167 -3.64 13.17 9.60
C ILE A 167 -4.48 11.91 9.63
N ARG A 168 -5.19 11.70 10.72
CA ARG A 168 -6.06 10.55 10.94
C ARG A 168 -7.39 11.02 11.48
N PRO A 169 -8.46 10.23 11.35
CA PRO A 169 -9.69 10.54 12.07
C PRO A 169 -9.39 10.73 13.55
N MET A 170 -9.92 11.81 14.13
CA MET A 170 -9.62 12.15 15.52
C MET A 170 -10.00 11.02 16.48
N GLU A 171 -10.97 10.17 16.11
CA GLU A 171 -11.27 8.98 16.91
C GLU A 171 -10.08 8.03 16.96
N LYS A 172 -9.47 7.77 15.81
CA LYS A 172 -8.28 6.92 15.82
C LYS A 172 -7.17 7.57 16.62
N VAL A 173 -7.06 8.90 16.52
CA VAL A 173 -6.05 9.65 17.27
C VAL A 173 -6.26 9.50 18.77
N ARG A 174 -7.51 9.62 19.23
CA ARG A 174 -7.83 9.49 20.65
C ARG A 174 -7.52 8.10 21.17
N ALA A 175 -7.76 7.08 20.34
CA ALA A 175 -7.49 5.69 20.71
C ALA A 175 -6.02 5.29 20.53
N GLY A 176 -5.15 6.23 20.16
CA GLY A 176 -3.74 5.91 19.98
C GLY A 176 -3.45 5.01 18.80
N LYS A 177 -4.36 4.93 17.83
CA LYS A 177 -4.21 4.06 16.66
C LYS A 177 -3.28 4.72 15.63
N THR A 178 -2.09 5.07 16.10
CA THR A 178 -1.04 5.59 15.25
C THR A 178 -0.41 4.46 14.46
N ARG A 179 -0.25 4.67 13.15
CA ARG A 179 0.35 3.68 12.27
C ARG A 179 1.88 3.73 12.40
N ILE A 180 2.52 2.62 12.02
CA ILE A 180 3.98 2.54 12.07
C ILE A 180 4.50 2.27 10.67
N VAL A 181 5.68 2.81 10.38
CA VAL A 181 6.42 2.51 9.16
C VAL A 181 7.63 1.68 9.58
N ASP A 182 7.82 0.53 8.94
CA ASP A 182 8.99 -0.30 9.21
C ASP A 182 10.02 0.05 8.15
N VAL A 183 11.04 0.82 8.55
CA VAL A 183 12.08 1.29 7.64
C VAL A 183 13.17 0.23 7.52
N LEU A 184 13.24 -0.44 6.37
CA LEU A 184 14.29 -1.45 6.17
C LEU A 184 15.65 -0.78 5.86
N PRO A 185 16.76 -1.50 6.04
CA PRO A 185 18.07 -0.91 5.69
C PRO A 185 18.13 -0.59 4.20
N VAL A 186 18.81 0.52 3.87
CA VAL A 186 18.80 0.94 2.47
C VAL A 186 19.37 -0.14 1.55
N GLU A 187 20.36 -0.92 2.03
CA GLU A 187 20.95 -1.95 1.16
C GLU A 187 19.98 -3.09 0.90
N HIS A 188 19.02 -3.30 1.79
CA HIS A 188 18.01 -4.35 1.58
C HIS A 188 17.04 -3.92 0.49
N ILE A 189 16.60 -2.66 0.55
CA ILE A 189 15.81 -2.06 -0.52
C ILE A 189 16.56 -2.17 -1.84
N LEU A 190 17.85 -1.81 -1.81
CA LEU A 190 18.68 -1.88 -3.01
C LEU A 190 18.69 -3.27 -3.61
N TYR A 191 19.04 -4.27 -2.81
CA TYR A 191 19.14 -5.63 -3.33
C TYR A 191 17.79 -6.14 -3.81
N THR A 192 16.72 -5.78 -3.10
CA THR A 192 15.38 -6.18 -3.54
C THR A 192 15.08 -5.61 -4.91
N ARG A 193 15.46 -4.35 -5.13
CA ARG A 193 15.24 -3.75 -6.45
C ARG A 193 16.11 -4.41 -7.51
N MET A 194 17.29 -4.89 -7.12
CA MET A 194 18.12 -5.66 -8.06
C MET A 194 17.41 -6.94 -8.44
N MET A 195 16.90 -7.65 -7.44
CA MET A 195 16.31 -8.97 -7.62
C MET A 195 15.01 -8.91 -8.41
N ILE A 196 14.14 -7.92 -8.15
CA ILE A 196 12.82 -7.89 -8.78
C ILE A 196 12.44 -6.52 -9.35
N GLY A 197 13.42 -5.63 -9.55
CA GLY A 197 13.08 -4.29 -10.02
C GLY A 197 12.53 -4.27 -11.45
N ARG A 198 13.06 -5.12 -12.35
CA ARG A 198 12.49 -5.10 -13.70
C ARG A 198 11.06 -5.60 -13.69
N PHE A 199 10.78 -6.64 -12.89
CA PHE A 199 9.40 -7.10 -12.66
C PHE A 199 8.52 -5.97 -12.14
N CYS A 200 9.02 -5.22 -11.15
CA CYS A 200 8.21 -4.12 -10.59
C CYS A 200 7.95 -3.06 -11.65
N ALA A 201 8.97 -2.75 -12.45
CA ALA A 201 8.81 -1.79 -13.52
C ALA A 201 7.75 -2.27 -14.52
N GLN A 202 7.78 -3.55 -14.85
CA GLN A 202 6.79 -4.09 -15.79
C GLN A 202 5.38 -4.07 -15.18
N MET A 203 5.25 -4.43 -13.89
CA MET A 203 3.96 -4.30 -13.19
C MET A 203 3.42 -2.89 -13.33
N HIS A 204 4.23 -1.89 -13.01
CA HIS A 204 3.80 -0.50 -13.08
C HIS A 204 3.32 -0.16 -14.49
N SER A 205 4.12 -0.50 -15.50
CA SER A 205 3.85 -0.18 -16.90
C SER A 205 2.62 -0.89 -17.45
N ASN A 206 2.23 -2.01 -16.84
CA ASN A 206 1.11 -2.80 -17.31
C ASN A 206 -0.07 -2.77 -16.34
N ASN A 207 -0.13 -1.74 -15.49
CA ASN A 207 -1.19 -1.69 -14.51
C ASN A 207 -2.55 -1.72 -15.21
N GLY A 208 -3.51 -2.35 -14.56
CA GLY A 208 -4.84 -2.49 -15.09
C GLY A 208 -5.50 -3.75 -14.57
N PRO A 209 -6.76 -3.98 -14.96
CA PRO A 209 -7.48 -5.17 -14.46
C PRO A 209 -6.88 -6.49 -14.89
N GLN A 210 -6.21 -6.53 -16.04
CA GLN A 210 -5.71 -7.80 -16.57
C GLN A 210 -4.72 -8.44 -15.58
N ILE A 211 -3.84 -7.64 -14.99
CA ILE A 211 -2.97 -8.16 -13.94
C ILE A 211 -3.52 -7.90 -12.55
N GLY A 212 -4.69 -7.25 -12.42
CA GLY A 212 -5.26 -7.03 -11.11
C GLY A 212 -4.56 -6.00 -10.25
N SER A 213 -3.80 -5.09 -10.86
CA SER A 213 -2.96 -4.14 -10.12
C SER A 213 -3.10 -2.72 -10.64
N ALA A 214 -3.30 -1.79 -9.72
CA ALA A 214 -3.31 -0.37 -10.02
C ALA A 214 -2.04 0.33 -9.57
N VAL A 215 -1.04 -0.42 -9.07
CA VAL A 215 0.21 0.22 -8.67
C VAL A 215 0.86 0.85 -9.90
N GLY A 216 1.20 2.13 -9.81
CA GLY A 216 1.80 2.84 -10.91
C GLY A 216 0.80 3.62 -11.74
N CYS A 217 -0.50 3.50 -11.43
CA CYS A 217 -1.50 4.21 -12.20
C CYS A 217 -1.44 5.69 -11.90
N ASN A 218 -2.13 6.44 -12.75
CA ASN A 218 -2.35 7.89 -12.62
C ASN A 218 -3.85 8.12 -12.62
N PRO A 219 -4.44 8.35 -11.45
CA PRO A 219 -5.91 8.41 -11.37
C PRO A 219 -6.54 9.40 -12.31
N ASP A 220 -5.93 10.58 -12.50
CA ASP A 220 -6.46 11.55 -13.46
C ASP A 220 -6.69 10.95 -14.83
N VAL A 221 -5.70 10.19 -15.32
CA VAL A 221 -5.80 9.62 -16.66
C VAL A 221 -6.49 8.27 -16.65
N ASP A 222 -6.21 7.42 -15.65
CA ASP A 222 -6.60 6.01 -15.69
C ASP A 222 -8.00 5.75 -15.15
N TRP A 223 -8.62 6.71 -14.47
CA TRP A 223 -9.98 6.48 -14.00
C TRP A 223 -10.93 6.19 -15.16
N GLN A 224 -10.70 6.80 -16.32
CA GLN A 224 -11.54 6.52 -17.48
C GLN A 224 -11.42 5.06 -17.89
N ARG A 225 -10.17 4.59 -17.97
CA ARG A 225 -9.87 3.23 -18.33
C ARG A 225 -10.49 2.24 -17.34
N PHE A 226 -10.27 2.47 -16.03
CA PHE A 226 -10.81 1.54 -15.04
C PHE A 226 -12.33 1.62 -14.99
N GLY A 227 -12.89 2.84 -15.03
CA GLY A 227 -14.34 2.97 -14.90
C GLY A 227 -15.11 2.32 -16.03
N THR A 228 -14.68 2.54 -17.28
CA THR A 228 -15.38 1.91 -18.41
C THR A 228 -15.28 0.39 -18.34
N HIS A 229 -14.17 -0.14 -17.82
CA HIS A 229 -14.07 -1.58 -17.64
C HIS A 229 -15.09 -2.09 -16.64
N PHE A 230 -15.04 -1.59 -15.39
CA PHE A 230 -15.90 -2.10 -14.35
C PHE A 230 -17.38 -1.75 -14.57
N ALA A 231 -17.67 -0.74 -15.41
CA ALA A 231 -19.07 -0.40 -15.67
C ALA A 231 -19.83 -1.54 -16.34
N GLN A 232 -19.14 -2.47 -16.99
CA GLN A 232 -19.86 -3.45 -17.80
C GLN A 232 -20.10 -4.77 -17.10
N TYR A 233 -19.91 -4.82 -15.78
CA TYR A 233 -20.19 -6.01 -14.99
C TYR A 233 -21.44 -5.81 -14.16
N ARG A 234 -22.15 -6.91 -13.85
CA ARG A 234 -23.43 -6.80 -13.17
C ARG A 234 -23.27 -6.46 -11.68
N ASN A 235 -22.23 -6.99 -11.04
CA ASN A 235 -21.99 -6.76 -9.62
C ASN A 235 -20.59 -6.24 -9.40
N VAL A 236 -20.46 -5.23 -8.53
CA VAL A 236 -19.18 -4.67 -8.15
C VAL A 236 -19.12 -4.62 -6.64
N TRP A 237 -17.98 -5.00 -6.07
CA TRP A 237 -17.82 -4.92 -4.61
C TRP A 237 -16.54 -4.17 -4.22
N ASP A 238 -16.64 -3.46 -3.12
CA ASP A 238 -15.40 -2.86 -2.59
C ASP A 238 -15.27 -3.45 -1.19
N VAL A 239 -14.07 -3.99 -1.00
CA VAL A 239 -13.92 -4.78 0.24
C VAL A 239 -12.88 -4.17 1.16
N ASP A 240 -13.17 -4.14 2.45
CA ASP A 240 -12.24 -3.67 3.46
C ASP A 240 -11.63 -4.86 4.17
N TYR A 241 -10.32 -4.80 4.40
CA TYR A 241 -9.61 -5.76 5.25
C TYR A 241 -9.26 -5.10 6.57
N SER A 242 -9.18 -5.90 7.62
CA SER A 242 -8.64 -5.44 8.89
C SER A 242 -7.16 -5.81 8.98
N ALA A 243 -6.31 -4.79 9.09
CA ALA A 243 -4.87 -4.99 9.24
C ALA A 243 -4.35 -5.97 8.20
N PHE A 244 -4.59 -5.62 6.94
CA PHE A 244 -4.21 -6.54 5.83
C PHE A 244 -2.72 -6.87 5.85
N ASP A 245 -1.86 -5.90 6.10
CA ASP A 245 -0.43 -6.19 5.91
C ASP A 245 0.07 -7.04 7.06
N ALA A 246 -0.45 -6.80 8.27
CA ALA A 246 0.03 -7.54 9.43
C ALA A 246 -0.47 -8.96 9.45
N ASN A 247 -1.58 -9.25 8.77
CA ASN A 247 -2.24 -10.54 8.88
C ASN A 247 -1.90 -11.50 7.74
N HIS A 248 -1.01 -11.08 6.83
CA HIS A 248 -0.53 -12.03 5.80
C HIS A 248 0.21 -13.13 6.55
N CYS A 249 -0.21 -14.39 6.43
CA CYS A 249 0.39 -15.42 7.25
C CYS A 249 1.64 -16.00 6.60
N SER A 250 2.49 -16.60 7.45
CA SER A 250 3.78 -17.12 6.98
C SER A 250 3.60 -18.11 5.84
N ASP A 251 2.63 -19.01 5.97
CA ASP A 251 2.36 -19.99 4.93
C ASP A 251 2.03 -19.30 3.61
N ALA A 252 1.15 -18.30 3.65
CA ALA A 252 0.74 -17.64 2.41
C ALA A 252 1.87 -16.81 1.81
N MET A 253 2.68 -16.14 2.65
CA MET A 253 3.76 -15.32 2.07
C MET A 253 4.81 -16.21 1.42
N ASN A 254 5.21 -17.28 2.12
CA ASN A 254 6.23 -18.20 1.60
C ASN A 254 5.79 -18.85 0.30
N ILE A 255 4.54 -19.34 0.26
CA ILE A 255 4.05 -19.98 -0.96
C ILE A 255 3.95 -18.97 -2.10
N MET A 256 3.44 -17.77 -1.82
CA MET A 256 3.35 -16.79 -2.91
C MET A 256 4.72 -16.48 -3.46
N PHE A 257 5.72 -16.23 -2.59
CA PHE A 257 7.07 -15.97 -3.09
C PHE A 257 7.59 -17.14 -3.91
N GLU A 258 7.30 -18.37 -3.46
CA GLU A 258 7.79 -19.56 -4.15
C GLU A 258 7.21 -19.70 -5.54
N GLU A 259 5.94 -19.32 -5.72
CA GLU A 259 5.26 -19.55 -6.99
C GLU A 259 5.40 -18.37 -7.95
N VAL A 260 5.48 -17.15 -7.42
CA VAL A 260 5.58 -15.99 -8.30
C VAL A 260 7.02 -15.79 -8.79
N PHE A 261 8.02 -15.96 -7.92
CA PHE A 261 9.38 -15.49 -8.23
C PHE A 261 10.34 -16.64 -8.55
N ARG A 262 9.85 -17.61 -9.32
CA ARG A 262 10.63 -18.80 -9.66
C ARG A 262 11.73 -18.47 -10.65
N THR A 263 12.81 -19.24 -10.58
CA THR A 263 13.87 -19.04 -11.55
C THR A 263 13.37 -19.36 -12.96
N GLU A 264 12.35 -20.22 -13.09
CA GLU A 264 11.85 -20.53 -14.43
C GLU A 264 11.08 -19.36 -15.04
N PHE A 265 10.78 -18.32 -14.26
CA PHE A 265 10.23 -17.08 -14.80
C PHE A 265 11.29 -16.00 -14.99
N GLY A 266 12.57 -16.36 -14.97
CA GLY A 266 13.64 -15.43 -15.28
C GLY A 266 14.31 -14.77 -14.10
N PHE A 267 13.84 -15.02 -12.88
CA PHE A 267 14.41 -14.41 -11.69
C PHE A 267 15.69 -15.12 -11.26
N HIS A 268 16.63 -14.33 -10.72
CA HIS A 268 17.77 -14.87 -9.98
C HIS A 268 17.24 -15.69 -8.80
N PRO A 269 17.94 -16.74 -8.37
CA PRO A 269 17.45 -17.51 -7.22
C PRO A 269 17.29 -16.69 -5.95
N ASN A 270 18.06 -15.62 -5.78
CA ASN A 270 17.93 -14.86 -4.56
C ASN A 270 16.73 -13.92 -4.55
N ALA A 271 15.93 -13.87 -5.62
CA ALA A 271 14.69 -13.09 -5.55
C ALA A 271 13.77 -13.69 -4.50
N GLU A 272 13.53 -14.99 -4.58
CA GLU A 272 12.72 -15.65 -3.56
C GLU A 272 13.34 -15.45 -2.18
N TRP A 273 14.66 -15.61 -2.07
CA TRP A 273 15.32 -15.51 -0.76
C TRP A 273 15.11 -14.14 -0.12
N ILE A 274 15.40 -13.06 -0.85
CA ILE A 274 15.35 -11.76 -0.21
C ILE A 274 13.91 -11.42 0.19
N LEU A 275 12.94 -11.84 -0.63
CA LEU A 275 11.56 -11.64 -0.23
C LEU A 275 11.23 -12.45 1.02
N LYS A 276 11.78 -13.66 1.13
CA LYS A 276 11.46 -14.48 2.31
C LYS A 276 12.08 -13.92 3.59
N THR A 277 13.11 -13.06 3.49
CA THR A 277 13.63 -12.44 4.72
C THR A 277 12.62 -11.51 5.36
N LEU A 278 11.48 -11.27 4.71
CA LEU A 278 10.45 -10.39 5.23
C LEU A 278 9.46 -11.08 6.17
N VAL A 279 9.55 -12.40 6.28
CA VAL A 279 8.52 -13.18 6.98
C VAL A 279 8.76 -13.16 8.49
N ASN A 280 9.97 -13.54 8.92
CA ASN A 280 10.37 -13.46 10.32
C ASN A 280 11.33 -12.29 10.46
N THR A 281 10.91 -11.25 11.18
CA THR A 281 11.66 -10.00 11.27
C THR A 281 11.85 -9.59 12.72
N GLU A 282 12.80 -8.68 12.92
CA GLU A 282 13.03 -8.05 14.20
C GLU A 282 12.82 -6.56 14.04
N HIS A 283 12.10 -5.95 14.99
CA HIS A 283 11.74 -4.54 14.92
C HIS A 283 12.32 -3.82 16.13
N ALA A 284 12.97 -2.68 15.87
CA ALA A 284 13.60 -1.87 16.90
C ALA A 284 12.71 -0.67 17.21
N TYR A 285 12.34 -0.53 18.48
CA TYR A 285 11.50 0.59 18.94
C TYR A 285 12.06 1.02 20.31
N GLU A 286 12.84 2.11 20.32
CA GLU A 286 13.54 2.63 21.52
C GLU A 286 14.48 1.53 22.05
N ASN A 287 14.46 1.20 23.35
CA ASN A 287 15.15 0.03 23.91
C ASN A 287 14.44 -1.30 23.66
N LYS A 288 13.32 -1.33 22.95
CA LYS A 288 12.64 -2.59 22.72
C LYS A 288 13.13 -3.22 21.43
N ARG A 289 13.26 -4.55 21.44
CA ARG A 289 13.53 -5.34 20.23
C ARG A 289 12.47 -6.41 20.18
N ILE A 290 11.58 -6.32 19.18
CA ILE A 290 10.38 -7.14 19.10
C ILE A 290 10.54 -8.03 17.88
N THR A 291 10.46 -9.35 18.10
CA THR A 291 10.61 -10.34 17.04
C THR A 291 9.24 -10.89 16.63
N VAL A 292 8.94 -10.83 15.34
CA VAL A 292 7.61 -11.12 14.80
C VAL A 292 7.72 -12.21 13.74
N GLU A 293 6.75 -13.12 13.72
CA GLU A 293 6.62 -14.13 12.65
C GLU A 293 5.34 -13.88 11.86
N GLY A 294 5.47 -13.80 10.53
CA GLY A 294 4.37 -13.48 9.66
C GLY A 294 4.19 -11.98 9.50
N GLY A 295 3.40 -11.60 8.50
CA GLY A 295 3.12 -10.21 8.24
C GLY A 295 4.16 -9.54 7.36
N MET A 296 3.72 -8.44 6.67
CA MET A 296 4.60 -7.71 5.74
C MET A 296 5.05 -6.41 6.37
N PRO A 297 6.36 -6.15 6.41
CA PRO A 297 6.82 -4.82 6.84
C PRO A 297 6.40 -3.79 5.80
N SER A 298 6.15 -2.56 6.26
CA SER A 298 5.72 -1.51 5.32
C SER A 298 6.85 -0.97 4.44
N GLY A 299 8.11 -1.14 4.82
CA GLY A 299 9.17 -0.45 4.12
C GLY A 299 9.96 -1.24 3.09
N CYS A 300 9.52 -2.45 2.75
CA CYS A 300 10.10 -3.12 1.60
C CYS A 300 9.95 -2.25 0.35
N SER A 301 10.95 -2.32 -0.53
CA SER A 301 10.81 -1.61 -1.80
C SER A 301 9.55 -2.03 -2.53
N ALA A 302 9.09 -3.26 -2.36
CA ALA A 302 7.97 -3.75 -3.13
C ALA A 302 6.74 -4.00 -2.28
N THR A 303 6.61 -3.31 -1.15
CA THR A 303 5.49 -3.59 -0.26
C THR A 303 4.16 -3.48 -0.98
N SER A 304 3.95 -2.40 -1.73
CA SER A 304 2.67 -2.21 -2.43
C SER A 304 2.43 -3.33 -3.44
N ILE A 305 3.43 -3.63 -4.27
CA ILE A 305 3.29 -4.70 -5.26
C ILE A 305 3.06 -6.05 -4.58
N ILE A 306 3.80 -6.33 -3.51
CA ILE A 306 3.62 -7.62 -2.83
C ILE A 306 2.22 -7.73 -2.22
N ASN A 307 1.77 -6.66 -1.56
CA ASN A 307 0.41 -6.65 -1.01
C ASN A 307 -0.63 -6.83 -2.10
N THR A 308 -0.40 -6.22 -3.25
CA THR A 308 -1.32 -6.33 -4.37
C THR A 308 -1.40 -7.76 -4.89
N ILE A 309 -0.24 -8.39 -5.07
CA ILE A 309 -0.20 -9.78 -5.55
C ILE A 309 -0.96 -10.69 -4.58
N LEU A 310 -0.71 -10.52 -3.27
CA LEU A 310 -1.40 -11.34 -2.28
C LEU A 310 -2.91 -11.12 -2.35
N ASN A 311 -3.32 -9.86 -2.54
CA ASN A 311 -4.76 -9.56 -2.64
C ASN A 311 -5.38 -10.34 -3.79
N ASN A 312 -4.73 -10.31 -4.97
CA ASN A 312 -5.22 -11.05 -6.12
C ASN A 312 -5.33 -12.55 -5.82
N ILE A 313 -4.32 -13.12 -5.16
CA ILE A 313 -4.37 -14.56 -4.89
C ILE A 313 -5.42 -14.88 -3.84
N TYR A 314 -5.61 -13.98 -2.86
CA TYR A 314 -6.60 -14.18 -1.79
C TYR A 314 -8.00 -14.33 -2.37
N VAL A 315 -8.35 -13.50 -3.36
CA VAL A 315 -9.69 -13.54 -3.93
C VAL A 315 -9.91 -14.84 -4.69
N LEU A 316 -8.90 -15.27 -5.48
CA LEU A 316 -9.02 -16.53 -6.21
C LEU A 316 -9.12 -17.71 -5.24
N TYR A 317 -8.26 -17.72 -4.22
CA TYR A 317 -8.31 -18.77 -3.19
C TYR A 317 -9.67 -18.81 -2.49
N ALA A 318 -10.19 -17.64 -2.08
CA ALA A 318 -11.42 -17.63 -1.30
C ALA A 318 -12.60 -18.12 -2.13
N LEU A 319 -12.74 -17.61 -3.36
CA LEU A 319 -13.78 -18.10 -4.26
C LEU A 319 -13.65 -19.61 -4.50
N ARG A 320 -12.41 -20.09 -4.71
CA ARG A 320 -12.21 -21.52 -4.95
C ARG A 320 -12.43 -22.35 -3.68
N ARG A 321 -12.27 -21.75 -2.51
CA ARG A 321 -12.48 -22.47 -1.21
C ARG A 321 -13.99 -22.61 -0.95
N HIS A 322 -14.84 -21.94 -1.74
CA HIS A 322 -16.29 -21.96 -1.58
C HIS A 322 -17.04 -22.45 -2.80
N TYR A 323 -16.54 -22.20 -4.02
CA TYR A 323 -17.26 -22.60 -5.21
C TYR A 323 -16.45 -23.60 -6.00
N GLU A 324 -17.15 -24.34 -6.85
CA GLU A 324 -16.53 -25.20 -7.85
C GLU A 324 -16.45 -24.44 -9.17
N GLY A 325 -15.41 -24.73 -9.94
CA GLY A 325 -15.29 -24.16 -11.28
C GLY A 325 -14.80 -22.72 -11.34
N VAL A 326 -14.13 -22.22 -10.32
CA VAL A 326 -13.75 -20.80 -10.31
C VAL A 326 -12.44 -20.64 -11.07
N GLU A 327 -12.39 -19.65 -11.97
CA GLU A 327 -11.22 -19.36 -12.79
C GLU A 327 -10.97 -17.86 -12.78
N LEU A 328 -9.83 -17.47 -13.34
CA LEU A 328 -9.45 -16.05 -13.34
C LEU A 328 -10.40 -15.17 -14.16
N ASP A 329 -11.19 -15.78 -15.05
CA ASP A 329 -12.22 -15.08 -15.81
C ASP A 329 -13.59 -15.14 -15.17
N THR A 330 -13.73 -15.77 -14.00
CA THR A 330 -15.02 -15.76 -13.33
C THR A 330 -15.33 -14.38 -12.78
N TYR A 331 -14.30 -13.58 -12.58
CA TYR A 331 -14.43 -12.24 -12.01
C TYR A 331 -13.33 -11.39 -12.61
N THR A 332 -13.37 -10.10 -12.29
CA THR A 332 -12.31 -9.17 -12.60
C THR A 332 -12.01 -8.37 -11.34
N MET A 333 -10.78 -7.89 -11.20
CA MET A 333 -10.46 -7.08 -10.03
C MET A 333 -9.28 -6.20 -10.32
N ILE A 334 -9.17 -5.15 -9.53
CA ILE A 334 -7.96 -4.35 -9.49
C ILE A 334 -7.69 -4.00 -8.04
N SER A 335 -6.42 -4.00 -7.67
CA SER A 335 -6.04 -3.86 -6.29
C SER A 335 -4.86 -2.89 -6.19
N TYR A 336 -4.76 -2.22 -5.06
CA TYR A 336 -3.59 -1.40 -4.73
C TYR A 336 -3.32 -1.66 -3.25
N GLY A 337 -2.35 -2.53 -2.98
CA GLY A 337 -2.17 -2.96 -1.59
C GLY A 337 -3.44 -3.59 -1.10
N ASP A 338 -3.93 -3.12 0.05
CA ASP A 338 -5.18 -3.68 0.57
C ASP A 338 -6.41 -3.17 -0.15
N ASP A 339 -6.30 -2.09 -0.91
CA ASP A 339 -7.45 -1.54 -1.63
C ASP A 339 -7.84 -2.45 -2.81
N ILE A 340 -9.13 -2.63 -3.02
CA ILE A 340 -9.58 -3.62 -4.00
C ILE A 340 -10.98 -3.29 -4.47
N VAL A 341 -11.17 -3.36 -5.79
CA VAL A 341 -12.49 -3.43 -6.41
C VAL A 341 -12.56 -4.78 -7.12
N VAL A 342 -13.63 -5.56 -6.84
CA VAL A 342 -13.89 -6.83 -7.53
C VAL A 342 -15.22 -6.68 -8.26
N ALA A 343 -15.36 -7.32 -9.41
CA ALA A 343 -16.61 -7.29 -10.16
C ALA A 343 -16.85 -8.62 -10.85
N SER A 344 -18.10 -8.88 -11.21
CA SER A 344 -18.44 -10.17 -11.80
C SER A 344 -19.86 -10.11 -12.33
N ASP A 345 -20.12 -10.86 -13.41
CA ASP A 345 -21.51 -11.05 -13.83
C ASP A 345 -22.20 -12.15 -13.06
N TYR A 346 -21.46 -12.90 -12.26
CA TYR A 346 -22.04 -13.89 -11.39
C TYR A 346 -22.42 -13.24 -10.05
N ASP A 347 -23.49 -13.75 -9.45
CA ASP A 347 -23.94 -13.35 -8.11
C ASP A 347 -23.10 -14.04 -7.03
N LEU A 348 -21.84 -13.61 -6.95
CA LEU A 348 -20.93 -14.14 -5.93
C LEU A 348 -21.37 -13.67 -4.55
N ASP A 349 -21.25 -14.57 -3.57
CA ASP A 349 -21.73 -14.33 -2.20
C ASP A 349 -20.54 -13.97 -1.31
N PHE A 350 -20.22 -12.68 -1.26
CA PHE A 350 -19.07 -12.26 -0.46
C PHE A 350 -19.32 -12.43 1.03
N GLU A 351 -20.58 -12.41 1.48
CA GLU A 351 -20.85 -12.75 2.87
C GLU A 351 -20.36 -14.16 3.17
N ALA A 352 -20.67 -15.12 2.28
CA ALA A 352 -20.24 -16.50 2.47
C ALA A 352 -18.74 -16.67 2.39
N LEU A 353 -18.03 -15.69 1.82
CA LEU A 353 -16.59 -15.83 1.65
C LEU A 353 -15.82 -15.48 2.92
N LYS A 354 -16.47 -14.81 3.87
CA LYS A 354 -15.81 -14.41 5.11
C LYS A 354 -15.00 -15.52 5.78
N PRO A 355 -15.53 -16.73 6.02
CA PRO A 355 -14.68 -17.76 6.67
C PRO A 355 -13.48 -18.18 5.83
N HIS A 356 -13.58 -18.15 4.50
CA HIS A 356 -12.48 -18.57 3.65
C HIS A 356 -11.33 -17.58 3.68
N PHE A 357 -11.63 -16.30 3.75
CA PHE A 357 -10.60 -15.30 4.00
C PHE A 357 -10.03 -15.48 5.41
N LYS A 358 -10.89 -15.81 6.38
CA LYS A 358 -10.42 -16.06 7.74
C LYS A 358 -9.39 -17.19 7.80
N SER A 359 -9.55 -18.22 6.95
CA SER A 359 -8.57 -19.31 6.97
C SER A 359 -7.19 -18.84 6.54
N LEU A 360 -7.13 -17.70 5.85
CA LEU A 360 -5.88 -17.01 5.51
C LEU A 360 -5.45 -16.02 6.58
N GLY A 361 -6.24 -15.87 7.65
CA GLY A 361 -5.97 -14.88 8.66
C GLY A 361 -6.57 -13.51 8.39
N GLN A 362 -7.38 -13.36 7.35
CA GLN A 362 -7.90 -12.07 6.92
C GLN A 362 -9.38 -11.94 7.25
N THR A 363 -9.79 -10.72 7.60
CA THR A 363 -11.17 -10.41 7.93
C THR A 363 -11.71 -9.38 6.94
N ILE A 364 -12.66 -9.79 6.10
CA ILE A 364 -13.25 -8.90 5.11
C ILE A 364 -14.61 -8.42 5.59
N THR A 365 -14.89 -7.16 5.30
CA THR A 365 -16.17 -6.50 5.55
C THR A 365 -16.44 -5.55 4.40
N PRO A 366 -17.70 -5.20 4.15
CA PRO A 366 -17.99 -4.23 3.07
C PRO A 366 -17.38 -2.89 3.39
N ALA A 367 -16.98 -2.18 2.33
CA ALA A 367 -16.38 -0.87 2.54
C ALA A 367 -17.40 0.17 2.95
N ASP A 368 -18.68 -0.18 2.84
CA ASP A 368 -19.78 0.76 3.18
C ASP A 368 -20.11 0.60 4.66
N LYS A 369 -19.52 -0.40 5.30
CA LYS A 369 -19.83 -0.66 6.74
C LYS A 369 -21.33 -0.93 6.87
N SER A 370 -21.95 -1.48 5.82
CA SER A 370 -23.40 -1.80 5.86
C SER A 370 -23.65 -2.79 6.98
N ASP A 371 -24.85 -2.78 7.56
CA ASP A 371 -25.21 -3.68 8.68
C ASP A 371 -25.67 -5.00 8.09
N LYS A 372 -26.11 -5.00 6.84
CA LYS A 372 -26.49 -6.27 6.17
C LYS A 372 -25.22 -6.94 5.63
N GLY A 373 -24.13 -6.19 5.50
CA GLY A 373 -22.89 -6.75 4.93
C GLY A 373 -22.88 -6.67 3.41
N PHE A 374 -22.28 -7.66 2.75
CA PHE A 374 -22.14 -7.59 1.28
C PHE A 374 -23.50 -7.78 0.61
N VAL A 375 -23.69 -7.18 -0.56
CA VAL A 375 -24.97 -7.30 -1.32
C VAL A 375 -24.62 -7.30 -2.80
N LEU A 376 -25.59 -7.55 -3.66
CA LEU A 376 -25.33 -7.50 -5.12
C LEU A 376 -25.87 -6.22 -5.74
N GLY A 377 -25.52 -5.97 -7.00
CA GLY A 377 -26.06 -4.87 -7.75
C GLY A 377 -25.32 -3.57 -7.64
N HIS A 378 -24.29 -3.49 -6.79
CA HIS A 378 -23.53 -2.25 -6.70
C HIS A 378 -22.76 -2.04 -7.99
N SER A 379 -22.46 -0.78 -8.29
CA SER A 379 -21.80 -0.38 -9.51
C SER A 379 -20.46 0.28 -9.23
N ILE A 380 -19.74 0.56 -10.32
CA ILE A 380 -18.47 1.29 -10.25
C ILE A 380 -18.68 2.69 -9.70
N THR A 381 -19.87 3.26 -9.88
CA THR A 381 -20.17 4.57 -9.28
C THR A 381 -20.51 4.49 -7.80
N ASP A 382 -20.56 3.29 -7.21
CA ASP A 382 -20.79 3.16 -5.79
C ASP A 382 -19.52 3.00 -4.97
N VAL A 383 -18.41 2.59 -5.60
CA VAL A 383 -17.27 2.11 -4.84
C VAL A 383 -16.27 3.24 -4.63
N THR A 384 -15.41 3.04 -3.63
CA THR A 384 -14.26 3.90 -3.40
C THR A 384 -13.01 3.08 -3.66
N PHE A 385 -12.02 3.70 -4.31
CA PHE A 385 -10.76 3.04 -4.63
C PHE A 385 -9.70 4.14 -4.57
N LEU A 386 -8.65 3.91 -3.79
CA LEU A 386 -7.64 4.94 -3.56
C LEU A 386 -8.32 6.23 -3.08
N LYS A 387 -9.31 6.08 -2.19
CA LYS A 387 -10.05 7.20 -1.59
C LYS A 387 -10.83 8.01 -2.63
N ARG A 388 -11.02 7.48 -3.83
CA ARG A 388 -11.64 8.21 -4.92
C ARG A 388 -12.87 7.47 -5.42
N HIS A 389 -13.94 8.22 -5.70
CA HIS A 389 -15.10 7.68 -6.38
C HIS A 389 -14.89 7.77 -7.89
N PHE A 390 -15.74 7.07 -8.63
CA PHE A 390 -15.71 7.07 -10.10
C PHE A 390 -16.94 7.85 -10.54
N HIS A 391 -16.73 9.08 -11.02
CA HIS A 391 -17.80 9.96 -11.45
C HIS A 391 -17.66 10.29 -12.94
N MET A 392 -18.79 10.39 -13.62
CA MET A 392 -18.80 10.78 -15.03
C MET A 392 -18.69 12.31 -15.08
N ASP A 393 -17.75 12.82 -15.89
CA ASP A 393 -17.67 14.25 -16.16
C ASP A 393 -18.44 14.58 -17.43
N TYR A 394 -19.31 15.58 -17.34
CA TYR A 394 -20.25 15.78 -18.45
C TYR A 394 -19.72 16.72 -19.53
N GLY A 395 -18.69 17.51 -19.25
CA GLY A 395 -18.04 18.24 -20.32
C GLY A 395 -17.36 17.31 -21.32
N THR A 396 -16.77 16.23 -20.82
CA THR A 396 -15.96 15.31 -21.61
C THR A 396 -16.63 13.96 -21.85
N GLY A 397 -17.52 13.53 -20.96
CA GLY A 397 -18.00 12.18 -21.04
C GLY A 397 -17.02 11.16 -20.53
N PHE A 398 -16.10 11.58 -19.66
CA PHE A 398 -15.08 10.68 -19.15
C PHE A 398 -15.17 10.59 -17.64
N TYR A 399 -14.78 9.43 -17.10
CA TYR A 399 -14.75 9.23 -15.66
C TYR A 399 -13.65 10.09 -15.03
N LYS A 400 -13.93 10.65 -13.87
CA LYS A 400 -12.94 11.41 -13.12
C LYS A 400 -12.91 10.97 -11.67
N PRO A 401 -11.74 11.05 -11.02
CA PRO A 401 -11.61 10.61 -9.62
C PRO A 401 -12.04 11.71 -8.66
N VAL A 402 -13.10 11.44 -7.90
CA VAL A 402 -13.67 12.43 -6.99
C VAL A 402 -13.42 12.00 -5.57
N MET A 403 -12.81 12.87 -4.78
CA MET A 403 -12.52 12.58 -3.39
C MET A 403 -13.61 13.22 -2.52
N ALA A 404 -13.80 12.64 -1.34
CA ALA A 404 -14.81 13.15 -0.41
C ALA A 404 -14.45 14.55 0.04
N SER A 405 -15.45 15.45 0.08
CA SER A 405 -15.17 16.81 0.52
C SER A 405 -14.69 16.83 1.97
N LYS A 406 -15.21 15.95 2.82
CA LYS A 406 -14.74 15.93 4.20
C LYS A 406 -13.25 15.59 4.25
N THR A 407 -12.79 14.72 3.35
CA THR A 407 -11.38 14.33 3.34
C THR A 407 -10.52 15.46 2.80
N LEU A 408 -10.96 16.12 1.72
CA LEU A 408 -10.25 17.28 1.19
C LEU A 408 -10.15 18.39 2.24
N GLU A 409 -11.21 18.61 3.02
CA GLU A 409 -11.17 19.60 4.09
C GLU A 409 -10.07 19.25 5.10
N ALA A 410 -10.01 17.98 5.52
CA ALA A 410 -8.99 17.54 6.46
C ALA A 410 -7.59 17.75 5.89
N ILE A 411 -7.38 17.40 4.62
CA ILE A 411 -6.07 17.54 4.00
C ILE A 411 -5.64 19.00 3.98
N LEU A 412 -6.57 19.89 3.65
CA LEU A 412 -6.29 21.32 3.59
C LEU A 412 -6.15 21.97 4.95
N SER A 413 -6.56 21.29 6.02
CA SER A 413 -6.60 21.87 7.37
C SER A 413 -5.28 21.77 8.13
N PHE A 414 -4.32 20.99 7.62
CA PHE A 414 -3.02 20.81 8.27
C PHE A 414 -1.94 20.76 7.20
N ALA A 415 -0.75 21.24 7.57
CA ALA A 415 0.39 21.21 6.68
C ALA A 415 1.63 21.47 7.49
N ARG A 416 2.75 20.89 7.06
CA ARG A 416 4.02 21.17 7.70
C ARG A 416 4.54 22.54 7.27
N ARG A 417 5.42 23.11 8.09
CA ARG A 417 5.80 24.51 7.95
C ARG A 417 6.48 24.78 6.62
N GLY A 418 6.09 25.89 5.98
CA GLY A 418 6.71 26.31 4.74
C GLY A 418 6.38 25.46 3.54
N THR A 419 5.29 24.68 3.58
CA THR A 419 4.82 23.92 2.44
C THR A 419 3.39 24.23 2.03
N ILE A 420 2.72 25.17 2.70
CA ILE A 420 1.28 25.37 2.48
C ILE A 420 1.00 25.69 1.02
N GLN A 421 1.78 26.61 0.43
CA GLN A 421 1.61 26.96 -0.97
C GLN A 421 1.76 25.75 -1.88
N GLU A 422 2.83 24.98 -1.67
CA GLU A 422 3.06 23.77 -2.43
C GLU A 422 1.91 22.78 -2.26
N LYS A 423 1.39 22.66 -1.04
CA LYS A 423 0.35 21.67 -0.79
C LYS A 423 -0.94 22.08 -1.48
N LEU A 424 -1.25 23.37 -1.45
CA LEU A 424 -2.46 23.87 -2.08
C LEU A 424 -2.46 23.56 -3.57
N ILE A 425 -1.34 23.76 -4.25
CA ILE A 425 -1.26 23.42 -5.67
C ILE A 425 -1.51 21.93 -5.86
N SER A 426 -0.90 21.10 -5.01
CA SER A 426 -1.11 19.64 -5.08
C SER A 426 -2.57 19.28 -4.88
N VAL A 427 -3.16 19.74 -3.78
CA VAL A 427 -4.53 19.38 -3.44
C VAL A 427 -5.50 19.96 -4.46
N ALA A 428 -5.14 21.09 -5.07
CA ALA A 428 -5.97 21.66 -6.14
C ALA A 428 -6.20 20.64 -7.25
N GLY A 429 -5.17 19.86 -7.60
CA GLY A 429 -5.33 18.84 -8.61
C GLY A 429 -6.26 17.70 -8.20
N LEU A 430 -6.44 17.49 -6.90
CA LEU A 430 -7.41 16.51 -6.42
C LEU A 430 -8.82 17.08 -6.37
N ALA A 431 -8.92 18.36 -5.96
CA ALA A 431 -10.20 19.02 -5.71
C ALA A 431 -10.94 19.44 -6.99
N VAL A 432 -10.23 19.63 -8.10
CA VAL A 432 -10.85 20.12 -9.34
C VAL A 432 -11.99 19.20 -9.75
N HIS A 433 -11.88 17.92 -9.44
CA HIS A 433 -12.89 16.96 -9.88
C HIS A 433 -14.17 17.06 -9.07
N SER A 434 -14.16 17.78 -7.93
CA SER A 434 -15.36 18.03 -7.14
C SER A 434 -16.27 19.10 -7.75
N GLY A 435 -15.83 19.76 -8.82
CA GLY A 435 -16.63 20.74 -9.49
C GLY A 435 -16.32 22.15 -9.02
N PRO A 436 -16.73 23.14 -9.80
CA PRO A 436 -16.31 24.53 -9.51
C PRO A 436 -16.80 25.04 -8.17
N ASP A 437 -18.02 24.70 -7.77
CA ASP A 437 -18.62 25.27 -6.56
C ASP A 437 -17.91 24.76 -5.32
N GLU A 438 -17.66 23.45 -5.27
CA GLU A 438 -16.96 22.87 -4.14
C GLU A 438 -15.49 23.28 -4.13
N TYR A 439 -14.85 23.25 -5.30
CA TYR A 439 -13.49 23.76 -5.41
C TYR A 439 -13.36 25.14 -4.80
N ARG A 440 -14.26 26.06 -5.17
CA ARG A 440 -14.24 27.41 -4.61
C ARG A 440 -14.39 27.38 -3.09
N ARG A 441 -15.38 26.63 -2.60
CA ARG A 441 -15.61 26.56 -1.15
C ARG A 441 -14.40 26.01 -0.43
N LEU A 442 -13.75 25.01 -1.02
CA LEU A 442 -12.65 24.34 -0.35
C LEU A 442 -11.47 25.28 -0.16
N PHE A 443 -11.22 26.16 -1.13
CA PHE A 443 -10.03 26.99 -1.13
C PHE A 443 -10.30 28.40 -0.62
N GLU A 444 -11.55 28.73 -0.33
CA GLU A 444 -11.87 30.08 0.11
C GLU A 444 -11.16 30.50 1.41
N PRO A 445 -10.81 29.61 2.35
CA PRO A 445 -10.00 30.09 3.50
C PRO A 445 -8.62 30.62 3.12
N PHE A 446 -8.13 30.38 1.91
CA PHE A 446 -6.79 30.77 1.49
C PHE A 446 -6.77 31.97 0.54
N GLN A 447 -7.92 32.57 0.25
CA GLN A 447 -7.96 33.67 -0.70
C GLN A 447 -7.31 34.92 -0.13
N GLY A 448 -6.53 35.60 -0.99
CA GLY A 448 -5.69 36.70 -0.56
C GLY A 448 -4.43 36.30 0.17
N LEU A 449 -4.35 35.06 0.64
CA LEU A 449 -3.24 34.55 1.42
C LEU A 449 -2.28 33.71 0.58
N PHE A 450 -2.79 32.88 -0.32
CA PHE A 450 -1.92 32.09 -1.18
C PHE A 450 -2.47 32.07 -2.61
N GLU A 451 -1.59 31.67 -3.53
CA GLU A 451 -2.00 31.46 -4.91
C GLU A 451 -2.89 30.23 -4.99
N ILE A 452 -4.09 30.39 -5.53
CA ILE A 452 -5.01 29.27 -5.75
C ILE A 452 -5.19 29.11 -7.26
N PRO A 453 -4.84 27.95 -7.84
CA PRO A 453 -5.06 27.76 -9.28
C PRO A 453 -6.53 27.96 -9.62
N SER A 454 -6.77 28.60 -10.76
CA SER A 454 -8.15 28.80 -11.21
C SER A 454 -8.76 27.45 -11.53
N TYR A 455 -10.05 27.31 -11.22
CA TYR A 455 -10.72 26.07 -11.58
C TYR A 455 -10.53 25.77 -13.07
N ARG A 456 -10.67 26.80 -13.90
CA ARG A 456 -10.58 26.60 -15.35
C ARG A 456 -9.24 26.01 -15.76
N SER A 457 -8.13 26.54 -15.22
CA SER A 457 -6.81 26.08 -15.67
C SER A 457 -6.63 24.59 -15.40
N LEU A 458 -7.06 24.11 -14.23
CA LEU A 458 -6.88 22.71 -13.88
C LEU A 458 -7.84 21.82 -14.66
N TYR A 459 -9.03 22.33 -14.99
CA TYR A 459 -9.97 21.52 -15.78
C TYR A 459 -9.47 21.36 -17.21
N LEU A 460 -9.00 22.45 -17.82
CA LEU A 460 -8.47 22.36 -19.17
C LEU A 460 -7.24 21.46 -19.22
N ARG A 461 -6.40 21.52 -18.18
CA ARG A 461 -5.24 20.62 -18.06
C ARG A 461 -5.70 19.17 -18.03
N TRP A 462 -6.65 18.86 -17.14
CA TRP A 462 -7.15 17.50 -17.00
C TRP A 462 -7.73 16.99 -18.30
N VAL A 463 -8.42 17.83 -19.05
CA VAL A 463 -9.06 17.37 -20.27
C VAL A 463 -8.01 16.91 -21.28
N ASN A 464 -6.96 17.72 -21.49
CA ASN A 464 -5.86 17.30 -22.36
C ASN A 464 -5.21 16.01 -21.83
N ALA A 465 -4.99 15.93 -20.52
CA ALA A 465 -4.40 14.73 -19.92
C ALA A 465 -5.23 13.48 -20.20
N VAL A 466 -6.55 13.57 -20.01
CA VAL A 466 -7.37 12.36 -20.15
C VAL A 466 -7.65 12.04 -21.60
N CYS A 467 -7.37 12.96 -22.52
CA CYS A 467 -7.50 12.69 -23.96
C CYS A 467 -6.59 13.66 -24.72
N GLY A 468 -5.35 13.25 -24.96
CA GLY A 468 -4.38 14.10 -25.64
C GLY A 468 -2.96 13.77 -25.19
N GLY B 5 -26.91 -21.07 -15.06
CA GLY B 5 -26.92 -20.52 -13.72
C GLY B 5 -25.52 -20.18 -13.20
N PRO B 6 -25.39 -19.72 -11.94
CA PRO B 6 -24.08 -19.41 -11.36
C PRO B 6 -23.17 -20.63 -11.20
N VAL B 7 -22.00 -20.40 -10.57
CA VAL B 7 -21.04 -21.46 -10.32
C VAL B 7 -21.52 -22.40 -9.22
N LYS B 8 -20.73 -23.45 -8.96
CA LYS B 8 -21.17 -24.61 -8.21
C LYS B 8 -20.72 -24.53 -6.75
N LYS B 9 -21.43 -25.22 -5.86
CA LYS B 9 -20.98 -25.41 -4.49
C LYS B 9 -20.38 -26.82 -4.38
N PRO B 10 -19.31 -27.05 -3.58
CA PRO B 10 -18.61 -28.35 -3.57
C PRO B 10 -19.30 -29.46 -2.76
#